data_1QGS
#
_entry.id   1QGS
#
_cell.length_a   47.420
_cell.length_b   141.997
_cell.length_c   81.439
_cell.angle_alpha   90.00
_cell.angle_beta   90.00
_cell.angle_gamma   90.00
#
_symmetry.space_group_name_H-M   'C 2 2 21'
#
loop_
_entity.id
_entity.type
_entity.pdbx_description
1 polymer 'PROTEIN (SPORE COAT POLYSACCHARIDE BIOSYNTHESIS PROTEIN SPSA)'
2 non-polymer 'MAGNESIUM ION'
3 non-polymer "URIDINE-5'-DIPHOSPHATE"
4 non-polymer GLYCEROL
5 water water
#
_entity_poly.entity_id   1
_entity_poly.type   'polypeptide(L)'
_entity_poly.pdbx_seq_one_letter_code
;PKVSVIMTSYNKSDYVAKSISSILSQTFSDFELFIMDDNSNEETLNVIRPFLNDNRVRFYQSDISGVKERTEKTRYAALI
NQAIEMAEGEYITYATDDNIYMPDRLLKMVRELDTHPEKAVIYSASKTYHLNENRDIVKETVRPAAQVTWNAPCAIDHCS
VMHRYSVLEKVKEKFGSYWDESPAFYRIGDARFFWRVNHFYPFYPLDEELDLNYITDQSIHFQLFELEKNEFVRNLPPQR
NCRELRESLKKLGMG
;
_entity_poly.pdbx_strand_id   A
#
# COMPACT_ATOMS: atom_id res chain seq x y z
N PRO A 1 14.87 8.05 -9.27
CA PRO A 1 15.00 6.88 -8.40
C PRO A 1 14.46 5.61 -9.04
N LYS A 2 14.98 4.46 -8.64
CA LYS A 2 14.50 3.19 -9.13
C LYS A 2 13.10 2.93 -8.55
N VAL A 3 12.94 3.27 -7.27
CA VAL A 3 11.69 2.95 -6.54
C VAL A 3 10.96 4.17 -6.01
N SER A 4 9.63 4.15 -6.14
CA SER A 4 8.80 5.17 -5.54
C SER A 4 7.98 4.40 -4.47
N VAL A 5 8.18 4.78 -3.23
CA VAL A 5 7.49 4.29 -2.07
C VAL A 5 6.41 5.34 -1.76
N ILE A 6 5.17 4.90 -1.70
CA ILE A 6 4.03 5.78 -1.49
C ILE A 6 3.39 5.47 -0.14
N MET A 7 3.58 6.37 0.82
CA MET A 7 3.02 6.09 2.15
C MET A 7 1.83 7.03 2.39
N THR A 8 0.78 6.51 3.01
CA THR A 8 -0.38 7.34 3.36
C THR A 8 -0.38 7.49 4.87
N SER A 9 -0.72 8.69 5.33
CA SER A 9 -0.73 9.02 6.73
C SER A 9 -1.98 9.77 7.18
N TYR A 10 -2.56 9.29 8.28
CA TYR A 10 -3.71 9.99 8.84
C TYR A 10 -3.84 9.72 10.32
N ASN A 11 -3.42 10.70 11.09
CA ASN A 11 -3.58 10.68 12.54
C ASN A 11 -3.08 9.49 13.32
N LYS A 12 -1.93 8.91 13.03
CA LYS A 12 -1.41 7.79 13.82
C LYS A 12 -0.07 8.24 14.39
N SER A 13 -0.10 9.29 15.19
CA SER A 13 1.07 9.87 15.80
C SER A 13 1.93 8.92 16.60
N ASP A 14 1.38 7.93 17.27
CA ASP A 14 2.19 7.00 18.04
C ASP A 14 2.86 5.92 17.18
N TYR A 15 2.58 5.87 15.87
CA TYR A 15 3.16 4.83 15.04
C TYR A 15 4.00 5.31 13.86
N VAL A 16 3.64 6.47 13.32
CA VAL A 16 4.20 6.94 12.06
C VAL A 16 5.71 7.06 12.11
N ALA A 17 6.33 7.50 13.21
CA ALA A 17 7.80 7.56 13.21
C ALA A 17 8.45 6.21 12.93
N LYS A 18 8.03 5.13 13.57
CA LYS A 18 8.61 3.80 13.34
C LYS A 18 8.43 3.39 11.87
N SER A 19 7.26 3.67 11.32
CA SER A 19 7.03 3.39 9.90
C SER A 19 8.02 4.12 9.01
N ILE A 20 8.06 5.45 9.16
CA ILE A 20 8.95 6.27 8.31
C ILE A 20 10.39 5.84 8.51
N SER A 21 10.83 5.66 9.74
CA SER A 21 12.21 5.26 10.01
C SER A 21 12.58 3.95 9.30
N SER A 22 11.68 3.00 9.27
CA SER A 22 11.90 1.69 8.66
C SER A 22 12.18 1.79 7.15
N ILE A 23 11.56 2.79 6.52
CA ILE A 23 11.78 3.06 5.10
C ILE A 23 13.09 3.78 4.85
N LEU A 24 13.36 4.82 5.61
CA LEU A 24 14.58 5.61 5.51
C LEU A 24 15.85 4.84 5.83
N SER A 25 15.82 3.73 6.58
CA SER A 25 17.01 2.97 6.90
C SER A 25 17.15 1.78 5.96
N GLN A 26 16.29 1.62 4.92
CA GLN A 26 16.46 0.47 4.05
C GLN A 26 17.88 0.29 3.51
N THR A 27 18.35 -0.94 3.34
CA THR A 27 19.63 -1.16 2.68
C THR A 27 19.61 -0.79 1.20
N PHE A 28 18.52 -0.77 0.44
CA PHE A 28 18.43 -0.32 -0.93
C PHE A 28 18.04 1.15 -0.76
N SER A 29 18.91 2.12 -1.04
CA SER A 29 18.52 3.47 -0.72
C SER A 29 18.03 4.28 -1.90
N ASP A 30 18.03 3.78 -3.09
CA ASP A 30 17.66 4.56 -4.28
C ASP A 30 16.15 4.61 -4.50
N PHE A 31 15.52 5.38 -3.62
CA PHE A 31 14.06 5.56 -3.69
C PHE A 31 13.66 6.99 -3.41
N GLU A 32 12.43 7.36 -3.73
CA GLU A 32 11.80 8.59 -3.32
C GLU A 32 10.67 8.10 -2.40
N LEU A 33 10.47 8.78 -1.26
CA LEU A 33 9.37 8.41 -0.35
C LEU A 33 8.30 9.47 -0.35
N PHE A 34 7.11 9.23 -0.90
CA PHE A 34 6.02 10.18 -0.80
C PHE A 34 5.38 9.99 0.56
N ILE A 35 5.18 11.04 1.37
CA ILE A 35 4.40 10.94 2.61
C ILE A 35 3.13 11.73 2.31
N MET A 36 2.00 11.05 2.04
CA MET A 36 0.76 11.75 1.68
C MET A 36 -0.08 11.80 2.94
N ASP A 37 0.07 12.95 3.61
CA ASP A 37 -0.64 13.10 4.88
C ASP A 37 -2.02 13.68 4.56
N ASP A 38 -3.04 13.13 5.17
CA ASP A 38 -4.40 13.56 4.85
C ASP A 38 -4.93 14.60 5.82
N ASN A 39 -4.13 15.62 6.10
CA ASN A 39 -4.51 16.77 6.93
C ASN A 39 -4.76 16.33 8.36
N SER A 40 -3.71 15.68 8.92
CA SER A 40 -3.68 15.16 10.26
C SER A 40 -3.58 16.27 11.33
N ASN A 41 -3.81 15.82 12.56
CA ASN A 41 -3.71 16.65 13.74
C ASN A 41 -2.27 17.02 14.04
N GLU A 42 -2.10 18.02 14.89
CA GLU A 42 -0.82 18.61 15.25
C GLU A 42 0.24 17.63 15.76
N GLU A 43 -0.22 16.74 16.63
CA GLU A 43 0.67 15.74 17.18
C GLU A 43 1.28 14.85 16.11
N THR A 44 0.50 14.44 15.11
CA THR A 44 0.98 13.59 14.02
C THR A 44 1.98 14.33 13.19
N LEU A 45 1.56 15.56 12.80
CA LEU A 45 2.41 16.42 12.03
C LEU A 45 3.70 16.67 12.82
N ASN A 46 3.67 16.80 14.15
CA ASN A 46 4.92 17.11 14.87
C ASN A 46 5.85 15.88 14.85
N VAL A 47 5.34 14.67 14.80
CA VAL A 47 6.12 13.45 14.72
C VAL A 47 6.74 13.32 13.32
N ILE A 48 5.96 13.66 12.28
CA ILE A 48 6.44 13.57 10.92
C ILE A 48 7.52 14.56 10.61
N ARG A 49 7.40 15.78 11.12
CA ARG A 49 8.26 16.91 10.81
C ARG A 49 9.75 16.72 10.67
N PRO A 50 10.47 16.16 11.60
CA PRO A 50 11.90 15.97 11.50
C PRO A 50 12.31 15.13 10.29
N PHE A 51 11.50 14.15 9.89
CA PHE A 51 11.77 13.30 8.75
C PHE A 51 11.77 14.05 7.43
N LEU A 52 11.13 15.21 7.38
CA LEU A 52 11.13 16.00 6.13
C LEU A 52 12.51 16.53 5.77
N ASN A 53 13.47 16.48 6.71
CA ASN A 53 14.85 16.89 6.41
C ASN A 53 15.58 15.83 5.59
N ASP A 54 15.04 14.63 5.39
CA ASP A 54 15.70 13.59 4.58
C ASP A 54 15.44 13.99 3.12
N ASN A 55 16.43 14.15 2.27
CA ASN A 55 16.20 14.63 0.90
C ASN A 55 15.42 13.71 -0.01
N ARG A 56 15.14 12.46 0.40
CA ARG A 56 14.34 11.55 -0.40
C ARG A 56 12.85 11.69 -0.14
N VAL A 57 12.45 12.38 0.92
CA VAL A 57 11.05 12.50 1.30
C VAL A 57 10.31 13.53 0.47
N ARG A 58 9.13 13.19 -0.01
CA ARG A 58 8.30 14.11 -0.80
C ARG A 58 7.01 14.21 -0.01
N PHE A 59 6.88 15.24 0.80
CA PHE A 59 5.78 15.45 1.70
C PHE A 59 4.64 16.28 1.08
N TYR A 60 3.43 15.75 1.11
CA TYR A 60 2.24 16.41 0.53
C TYR A 60 1.14 16.29 1.55
N GLN A 61 0.47 17.41 1.87
CA GLN A 61 -0.57 17.42 2.86
C GLN A 61 -1.90 17.86 2.26
N SER A 62 -2.98 17.14 2.53
CA SER A 62 -4.24 17.53 1.90
C SER A 62 -4.87 18.70 2.68
N ASP A 63 -5.97 19.24 2.18
CA ASP A 63 -6.67 20.33 2.86
C ASP A 63 -8.02 19.80 3.34
N ILE A 64 -8.15 18.47 3.33
CA ILE A 64 -9.39 17.80 3.66
C ILE A 64 -9.87 18.06 5.08
N SER A 65 -11.18 18.28 5.26
CA SER A 65 -11.71 18.52 6.58
C SER A 65 -13.21 18.32 6.69
N GLY A 66 -13.64 17.59 7.72
CA GLY A 66 -15.04 17.33 7.96
C GLY A 66 -15.57 16.04 7.36
N VAL A 67 -16.70 15.56 7.92
CA VAL A 67 -17.22 14.24 7.51
C VAL A 67 -17.64 14.12 6.07
N LYS A 68 -18.18 15.18 5.48
CA LYS A 68 -18.57 15.05 4.06
C LYS A 68 -17.32 14.75 3.21
N GLU A 69 -16.30 15.58 3.40
CA GLU A 69 -15.05 15.44 2.65
C GLU A 69 -14.35 14.13 2.95
N ARG A 70 -14.32 13.66 4.17
CA ARG A 70 -13.67 12.40 4.54
C ARG A 70 -14.36 11.18 3.99
N THR A 71 -15.67 11.27 3.71
CA THR A 71 -16.44 10.17 3.18
C THR A 71 -16.79 10.31 1.71
N GLU A 72 -16.41 11.38 1.00
CA GLU A 72 -16.76 11.51 -0.42
C GLU A 72 -16.01 10.48 -1.25
N LYS A 73 -14.78 10.10 -0.89
CA LYS A 73 -13.96 9.14 -1.60
C LYS A 73 -13.23 8.23 -0.61
N THR A 74 -12.63 7.14 -1.13
CA THR A 74 -11.78 6.32 -0.26
C THR A 74 -10.50 7.16 -0.20
N ARG A 75 -10.31 7.87 0.90
CA ARG A 75 -9.23 8.86 0.98
C ARG A 75 -7.84 8.36 0.65
N TYR A 76 -7.39 7.22 1.20
CA TYR A 76 -6.03 6.78 0.88
C TYR A 76 -5.90 6.44 -0.57
N ALA A 77 -7.01 5.99 -1.22
CA ALA A 77 -6.91 5.65 -2.65
C ALA A 77 -6.71 6.95 -3.42
N ALA A 78 -7.47 8.02 -3.04
CA ALA A 78 -7.27 9.30 -3.69
C ALA A 78 -5.83 9.83 -3.54
N LEU A 79 -5.26 9.71 -2.34
CA LEU A 79 -3.89 10.19 -2.14
C LEU A 79 -2.87 9.34 -2.89
N ILE A 80 -3.10 8.02 -2.93
CA ILE A 80 -2.17 7.17 -3.71
C ILE A 80 -2.19 7.54 -5.17
N ASN A 81 -3.37 7.74 -5.75
CA ASN A 81 -3.46 8.15 -7.14
C ASN A 81 -2.71 9.46 -7.37
N GLN A 82 -2.84 10.40 -6.44
CA GLN A 82 -2.11 11.67 -6.59
C GLN A 82 -0.60 11.47 -6.60
N ALA A 83 -0.12 10.58 -5.75
CA ALA A 83 1.28 10.27 -5.70
C ALA A 83 1.66 9.46 -6.95
N ILE A 84 0.79 8.59 -7.46
CA ILE A 84 1.23 7.86 -8.66
C ILE A 84 1.53 8.81 -9.81
N GLU A 85 0.68 9.79 -9.99
CA GLU A 85 0.81 10.80 -11.03
C GLU A 85 2.07 11.63 -10.92
N MET A 86 2.67 11.74 -9.74
CA MET A 86 3.95 12.38 -9.52
C MET A 86 5.13 11.41 -9.47
N ALA A 87 4.91 10.09 -9.42
CA ALA A 87 6.04 9.18 -9.26
C ALA A 87 6.98 9.07 -10.46
N GLU A 88 8.29 8.99 -10.12
CA GLU A 88 9.35 8.81 -11.13
C GLU A 88 10.02 7.46 -11.14
N GLY A 89 9.67 6.60 -10.19
CA GLY A 89 10.34 5.31 -10.11
C GLY A 89 9.88 4.30 -11.15
N GLU A 90 10.73 3.36 -11.50
CA GLU A 90 10.37 2.27 -12.40
C GLU A 90 9.50 1.27 -11.65
N TYR A 91 9.82 1.08 -10.36
CA TYR A 91 9.05 0.17 -9.51
C TYR A 91 8.26 0.96 -8.46
N ILE A 92 7.03 0.56 -8.18
CA ILE A 92 6.11 1.23 -7.27
C ILE A 92 5.79 0.30 -6.08
N THR A 93 5.79 0.86 -4.90
CA THR A 93 5.46 0.06 -3.71
C THR A 93 4.75 0.94 -2.71
N TYR A 94 3.91 0.38 -1.84
CA TYR A 94 3.09 1.07 -0.89
C TYR A 94 3.40 0.84 0.57
N ALA A 95 3.25 1.90 1.39
CA ALA A 95 3.53 1.81 2.81
C ALA A 95 2.41 2.54 3.58
N THR A 96 2.24 2.28 4.85
CA THR A 96 1.26 2.97 5.65
C THR A 96 1.98 3.48 6.91
N ASP A 97 1.25 4.30 7.63
CA ASP A 97 1.71 4.92 8.87
C ASP A 97 1.68 3.97 10.07
N ASP A 98 1.22 2.74 9.94
CA ASP A 98 1.35 1.81 11.05
C ASP A 98 1.91 0.45 10.60
N ASN A 99 2.62 0.39 9.50
CA ASN A 99 3.25 -0.84 8.98
C ASN A 99 4.75 -0.62 8.89
N ILE A 100 5.60 -1.59 9.23
CA ILE A 100 7.02 -1.48 9.23
C ILE A 100 7.64 -2.33 8.11
N TYR A 101 8.55 -1.75 7.34
CA TYR A 101 9.32 -2.54 6.36
C TYR A 101 10.49 -3.19 7.06
N MET A 102 10.79 -4.48 6.79
CA MET A 102 12.01 -5.09 7.27
C MET A 102 13.14 -4.45 6.48
N PRO A 103 14.38 -4.45 7.00
CA PRO A 103 15.49 -3.75 6.43
C PRO A 103 15.93 -4.05 5.03
N ASP A 104 15.77 -5.27 4.53
CA ASP A 104 16.19 -5.59 3.17
C ASP A 104 15.00 -5.70 2.23
N ARG A 105 13.81 -5.26 2.64
CA ARG A 105 12.60 -5.36 1.83
C ARG A 105 12.80 -4.80 0.41
N LEU A 106 13.22 -3.54 0.28
CA LEU A 106 13.38 -2.91 -1.03
C LEU A 106 14.48 -3.63 -1.85
N LEU A 107 15.58 -3.96 -1.18
CA LEU A 107 16.66 -4.69 -1.89
C LEU A 107 16.14 -5.98 -2.52
N LYS A 108 15.50 -6.81 -1.70
CA LYS A 108 15.00 -8.10 -2.16
C LYS A 108 13.93 -8.01 -3.23
N MET A 109 13.04 -7.04 -3.14
CA MET A 109 11.98 -6.87 -4.13
C MET A 109 12.52 -6.29 -5.44
N VAL A 110 13.45 -5.34 -5.32
CA VAL A 110 14.05 -4.76 -6.54
C VAL A 110 14.84 -5.86 -7.26
N ARG A 111 15.54 -6.71 -6.52
CA ARG A 111 16.31 -7.79 -7.13
C ARG A 111 15.46 -8.82 -7.84
N GLU A 112 14.31 -9.16 -7.29
CA GLU A 112 13.41 -10.15 -7.89
C GLU A 112 12.87 -9.64 -9.22
N LEU A 113 12.45 -8.39 -9.26
CA LEU A 113 11.93 -7.80 -10.49
C LEU A 113 13.06 -7.56 -11.49
N ASP A 114 14.27 -7.20 -10.98
CA ASP A 114 15.37 -7.04 -11.91
C ASP A 114 15.76 -8.36 -12.58
N THR A 115 15.69 -9.47 -11.88
CA THR A 115 16.12 -10.77 -12.36
C THR A 115 15.08 -11.48 -13.21
N HIS A 116 13.81 -11.14 -13.00
CA HIS A 116 12.73 -11.77 -13.74
C HIS A 116 11.89 -10.75 -14.49
N PRO A 117 12.28 -10.42 -15.71
CA PRO A 117 11.55 -9.48 -16.54
C PRO A 117 10.14 -9.95 -16.84
N GLU A 118 9.82 -11.23 -16.78
CA GLU A 118 8.50 -11.73 -17.02
C GLU A 118 7.58 -11.50 -15.82
N LYS A 119 8.05 -11.16 -14.62
CA LYS A 119 7.16 -10.93 -13.48
C LYS A 119 6.83 -9.45 -13.41
N ALA A 120 5.58 -9.01 -13.33
CA ALA A 120 5.31 -7.58 -13.28
C ALA A 120 4.84 -7.15 -11.89
N VAL A 121 4.25 -8.05 -11.13
CA VAL A 121 3.77 -7.76 -9.77
C VAL A 121 4.35 -8.83 -8.84
N ILE A 122 4.99 -8.42 -7.75
CA ILE A 122 5.48 -9.39 -6.80
C ILE A 122 4.88 -9.08 -5.42
N TYR A 123 4.85 -10.09 -4.55
CA TYR A 123 4.35 -9.90 -3.20
C TYR A 123 5.15 -10.75 -2.22
N SER A 124 5.37 -10.23 -1.02
CA SER A 124 6.13 -11.03 -0.05
C SER A 124 5.16 -11.56 1.01
N ALA A 125 5.71 -12.22 2.01
CA ALA A 125 4.91 -12.68 3.15
C ALA A 125 4.86 -11.47 4.10
N SER A 126 3.93 -11.52 5.04
CA SER A 126 3.78 -10.45 6.00
C SER A 126 3.52 -11.02 7.39
N LYS A 127 3.97 -10.34 8.43
CA LYS A 127 3.76 -10.82 9.80
C LYS A 127 3.09 -9.75 10.64
N THR A 128 2.20 -10.17 11.52
CA THR A 128 1.48 -9.29 12.42
C THR A 128 1.71 -9.87 13.83
N TYR A 129 2.22 -9.05 14.71
CA TYR A 129 2.43 -9.37 16.11
C TYR A 129 1.32 -8.76 16.96
N HIS A 130 0.63 -9.57 17.74
CA HIS A 130 -0.40 -9.09 18.65
C HIS A 130 0.22 -8.96 20.04
N LEU A 131 0.08 -7.77 20.62
CA LEU A 131 0.69 -7.51 21.93
C LEU A 131 -0.38 -7.38 23.01
N ASN A 132 -0.10 -7.91 24.18
CA ASN A 132 -0.94 -7.91 25.38
C ASN A 132 -0.03 -8.30 26.56
N ASP A 136 3.61 -8.69 26.34
CA ASP A 136 4.50 -9.13 25.27
C ASP A 136 3.67 -9.61 24.07
N ILE A 137 4.21 -10.56 23.31
CA ILE A 137 3.46 -11.10 22.18
C ILE A 137 2.48 -12.14 22.67
N VAL A 138 1.23 -12.06 22.30
CA VAL A 138 0.27 -13.09 22.70
C VAL A 138 0.03 -13.98 21.48
N LYS A 139 0.31 -13.39 20.32
CA LYS A 139 -0.04 -14.12 19.08
C LYS A 139 0.78 -13.58 17.91
N GLU A 140 1.08 -14.44 16.95
CA GLU A 140 1.83 -14.04 15.77
C GLU A 140 1.14 -14.57 14.51
N THR A 141 0.69 -13.69 13.62
CA THR A 141 0.10 -14.20 12.40
C THR A 141 1.00 -13.95 11.19
N VAL A 142 1.06 -14.88 10.25
CA VAL A 142 1.81 -14.71 9.01
C VAL A 142 0.89 -14.97 7.81
N ARG A 143 0.92 -14.11 6.81
CA ARG A 143 0.21 -14.20 5.55
C ARG A 143 1.35 -14.64 4.61
N PRO A 144 1.27 -15.87 4.14
CA PRO A 144 2.33 -16.49 3.37
C PRO A 144 2.38 -15.97 1.94
N ALA A 145 3.44 -16.25 1.23
CA ALA A 145 3.63 -15.92 -0.17
C ALA A 145 4.15 -17.20 -0.82
N ALA A 146 3.29 -18.19 -1.07
CA ALA A 146 3.81 -19.47 -1.55
C ALA A 146 3.50 -19.77 -3.01
N GLN A 147 2.49 -19.12 -3.56
CA GLN A 147 2.16 -19.43 -4.94
C GLN A 147 1.82 -18.19 -5.75
N VAL A 148 2.00 -18.38 -7.06
CA VAL A 148 1.61 -17.38 -8.02
C VAL A 148 0.09 -17.30 -7.95
N THR A 149 -0.47 -16.09 -7.88
CA THR A 149 -1.93 -16.03 -7.76
C THR A 149 -2.58 -14.96 -8.61
N TRP A 150 -3.68 -15.38 -9.27
CA TRP A 150 -4.53 -14.53 -10.03
C TRP A 150 -5.68 -14.03 -9.14
N ASN A 151 -5.67 -14.31 -7.85
CA ASN A 151 -6.76 -13.89 -6.98
C ASN A 151 -6.19 -13.36 -5.66
N ALA A 152 -5.63 -12.15 -5.80
CA ALA A 152 -5.05 -11.45 -4.63
C ALA A 152 -5.97 -10.80 -3.64
N PRO A 153 -7.17 -10.37 -4.00
CA PRO A 153 -8.06 -9.64 -3.10
C PRO A 153 -8.31 -10.30 -1.77
N CYS A 154 -7.97 -9.55 -0.71
CA CYS A 154 -8.06 -10.00 0.66
C CYS A 154 -7.11 -11.16 0.97
N ALA A 155 -6.23 -11.65 0.11
CA ALA A 155 -5.23 -12.63 0.46
C ALA A 155 -3.88 -11.93 0.68
N ILE A 156 -3.67 -10.81 0.01
CA ILE A 156 -2.41 -10.07 0.04
C ILE A 156 -2.63 -8.61 0.50
N ASP A 157 -1.81 -8.16 1.43
CA ASP A 157 -2.01 -6.82 1.98
C ASP A 157 -1.40 -5.75 1.08
N HIS A 158 -2.00 -4.57 1.23
CA HIS A 158 -1.57 -3.27 0.79
C HIS A 158 -0.04 -3.11 0.88
N CYS A 159 0.54 -3.35 2.04
CA CYS A 159 1.97 -3.17 2.23
C CYS A 159 2.93 -4.28 1.81
N SER A 160 2.46 -5.31 1.14
CA SER A 160 3.32 -6.42 0.76
C SER A 160 3.63 -6.52 -0.71
N VAL A 161 3.45 -5.47 -1.52
CA VAL A 161 3.69 -5.66 -2.95
C VAL A 161 4.62 -4.62 -3.52
N MET A 162 5.16 -4.95 -4.69
CA MET A 162 5.94 -4.02 -5.48
C MET A 162 5.52 -4.33 -6.93
N HIS A 163 5.39 -3.34 -7.78
CA HIS A 163 5.08 -3.73 -9.16
C HIS A 163 5.76 -2.74 -10.10
N ARG A 164 5.89 -3.18 -11.35
CA ARG A 164 6.47 -2.28 -12.38
C ARG A 164 5.47 -1.16 -12.60
N TYR A 165 5.99 0.03 -12.89
CA TYR A 165 5.17 1.18 -13.23
C TYR A 165 4.26 0.91 -14.43
N SER A 166 4.68 0.11 -15.40
CA SER A 166 3.90 -0.21 -16.58
C SER A 166 2.58 -0.93 -16.26
N VAL A 167 2.49 -1.60 -15.11
CA VAL A 167 1.24 -2.21 -14.67
C VAL A 167 0.17 -1.13 -14.56
N LEU A 168 0.51 0.08 -14.07
CA LEU A 168 -0.49 1.11 -13.88
C LEU A 168 -1.17 1.56 -15.16
N GLU A 169 -0.48 1.50 -16.28
CA GLU A 169 -1.05 1.86 -17.57
C GLU A 169 -2.21 0.96 -17.99
N LYS A 170 -2.02 -0.36 -17.98
CA LYS A 170 -3.12 -1.25 -18.35
C LYS A 170 -4.36 -0.98 -17.51
N VAL A 171 -4.13 -0.90 -16.18
CA VAL A 171 -5.20 -0.68 -15.25
C VAL A 171 -5.96 0.60 -15.60
N LYS A 172 -5.24 1.70 -15.78
CA LYS A 172 -5.93 2.96 -16.09
C LYS A 172 -6.69 2.87 -17.41
N GLU A 173 -6.10 2.23 -18.41
CA GLU A 173 -6.80 2.05 -19.68
C GLU A 173 -8.12 1.34 -19.47
N LYS A 174 -8.21 0.24 -18.72
CA LYS A 174 -9.51 -0.40 -18.52
C LYS A 174 -10.43 0.36 -17.58
N PHE A 175 -9.90 0.88 -16.47
CA PHE A 175 -10.80 1.37 -15.42
C PHE A 175 -10.90 2.87 -15.28
N GLY A 176 -10.08 3.65 -15.94
CA GLY A 176 -10.17 5.11 -15.85
C GLY A 176 -9.38 5.67 -14.66
N SER A 177 -8.79 4.84 -13.80
CA SER A 177 -8.03 5.42 -12.66
C SER A 177 -7.12 4.30 -12.15
N TYR A 178 -6.21 4.55 -11.20
CA TYR A 178 -5.38 3.45 -10.72
C TYR A 178 -6.10 2.75 -9.59
N TRP A 179 -6.03 3.35 -8.41
CA TRP A 179 -6.77 2.82 -7.26
C TRP A 179 -8.21 3.35 -7.46
N ASP A 180 -9.17 2.71 -6.82
CA ASP A 180 -10.58 3.02 -6.96
C ASP A 180 -10.98 3.96 -5.82
N GLU A 181 -11.28 5.21 -6.16
CA GLU A 181 -11.69 6.15 -5.12
C GLU A 181 -13.11 6.00 -4.61
N SER A 182 -13.90 5.07 -5.16
CA SER A 182 -15.28 4.90 -4.68
C SER A 182 -15.29 4.57 -3.20
N PRO A 183 -16.13 5.26 -2.42
CA PRO A 183 -16.25 5.06 -1.00
C PRO A 183 -16.95 3.78 -0.56
N ALA A 184 -17.48 3.03 -1.49
CA ALA A 184 -17.99 1.70 -1.28
C ALA A 184 -16.86 0.70 -1.08
N PHE A 185 -15.63 1.07 -1.44
CA PHE A 185 -14.48 0.22 -1.17
C PHE A 185 -13.55 0.86 -0.15
N TYR A 186 -14.08 1.52 0.89
CA TYR A 186 -13.27 2.15 1.92
C TYR A 186 -12.50 1.14 2.75
N ARG A 187 -13.14 0.07 3.21
CA ARG A 187 -12.51 -0.90 4.09
C ARG A 187 -11.45 -1.75 3.38
N ILE A 188 -11.69 -2.05 2.11
CA ILE A 188 -10.79 -2.98 1.38
C ILE A 188 -10.29 -2.39 0.07
N GLY A 189 -9.82 -1.16 0.14
CA GLY A 189 -9.31 -0.44 -1.04
C GLY A 189 -8.11 -1.12 -1.67
N ASP A 190 -7.23 -1.74 -0.87
CA ASP A 190 -6.10 -2.46 -1.43
C ASP A 190 -6.62 -3.65 -2.26
N ALA A 191 -7.64 -4.32 -1.75
CA ALA A 191 -8.22 -5.49 -2.45
C ALA A 191 -8.81 -5.11 -3.79
N ARG A 192 -9.46 -3.95 -3.80
CA ARG A 192 -10.11 -3.46 -5.04
C ARG A 192 -9.09 -3.06 -6.09
N PHE A 193 -7.98 -2.43 -5.68
CA PHE A 193 -6.90 -2.11 -6.61
C PHE A 193 -6.27 -3.45 -7.05
N PHE A 194 -6.04 -4.40 -6.16
CA PHE A 194 -5.44 -5.68 -6.58
C PHE A 194 -6.39 -6.41 -7.54
N TRP A 195 -7.68 -6.31 -7.32
CA TRP A 195 -8.76 -6.82 -8.17
C TRP A 195 -8.66 -6.26 -9.58
N ARG A 196 -8.46 -4.95 -9.71
CA ARG A 196 -8.23 -4.37 -11.03
C ARG A 196 -6.94 -4.92 -11.63
N VAL A 197 -5.83 -4.98 -10.87
CA VAL A 197 -4.58 -5.51 -11.43
C VAL A 197 -4.74 -6.94 -11.93
N ASN A 198 -5.47 -7.75 -11.18
CA ASN A 198 -5.69 -9.16 -11.51
C ASN A 198 -6.50 -9.39 -12.76
N HIS A 199 -7.02 -8.33 -13.38
CA HIS A 199 -7.66 -8.47 -14.68
C HIS A 199 -6.56 -8.78 -15.70
N PHE A 200 -5.32 -8.33 -15.48
CA PHE A 200 -4.23 -8.48 -16.41
C PHE A 200 -2.98 -9.20 -15.96
N TYR A 201 -2.68 -9.26 -14.66
CA TYR A 201 -1.45 -9.86 -14.17
C TYR A 201 -1.69 -10.70 -12.91
N PRO A 202 -0.92 -11.76 -12.79
CA PRO A 202 -0.96 -12.58 -11.58
C PRO A 202 0.04 -11.96 -10.63
N PHE A 203 0.01 -12.31 -9.36
CA PHE A 203 0.98 -11.80 -8.39
C PHE A 203 2.03 -12.87 -8.12
N TYR A 204 3.32 -12.58 -8.27
CA TYR A 204 4.36 -13.57 -8.06
C TYR A 204 4.93 -13.45 -6.65
N PRO A 205 5.09 -14.56 -5.95
CA PRO A 205 5.56 -14.56 -4.59
C PRO A 205 7.03 -14.46 -4.32
N LEU A 206 7.35 -13.82 -3.20
CA LEU A 206 8.75 -13.76 -2.70
C LEU A 206 8.59 -14.29 -1.29
N ASP A 207 8.97 -15.55 -1.05
CA ASP A 207 8.66 -16.22 0.22
C ASP A 207 9.51 -15.85 1.41
N GLU A 208 9.36 -14.62 1.88
CA GLU A 208 10.09 -14.04 3.00
C GLU A 208 9.19 -13.00 3.69
N GLU A 209 9.25 -12.88 4.99
CA GLU A 209 8.44 -11.89 5.74
C GLU A 209 9.08 -10.51 5.68
N LEU A 210 8.65 -9.66 4.76
CA LEU A 210 9.38 -8.39 4.58
C LEU A 210 8.65 -7.17 5.11
N ASP A 211 7.45 -7.34 5.66
CA ASP A 211 6.73 -6.23 6.29
C ASP A 211 6.08 -6.79 7.57
N LEU A 212 5.87 -5.93 8.54
CA LEU A 212 5.43 -6.25 9.90
C LEU A 212 4.39 -5.29 10.44
N ASN A 213 3.37 -5.83 11.13
CA ASN A 213 2.37 -5.02 11.79
C ASN A 213 2.31 -5.42 13.28
N TYR A 214 2.09 -4.42 14.13
CA TYR A 214 1.95 -4.61 15.55
C TYR A 214 0.52 -4.24 15.92
N ILE A 215 -0.26 -5.10 16.54
CA ILE A 215 -1.60 -4.67 16.96
C ILE A 215 -1.68 -4.88 18.48
N THR A 216 -2.07 -3.80 19.15
CA THR A 216 -2.18 -3.73 20.59
C THR A 216 -3.50 -3.09 20.99
N GLU A 231 -18.96 9.81 13.66
CA GLU A 231 -19.71 10.32 12.52
C GLU A 231 -19.10 9.86 11.20
N PHE A 232 -17.83 9.50 11.19
CA PHE A 232 -17.21 9.04 9.95
C PHE A 232 -17.88 7.79 9.39
N VAL A 233 -17.90 6.73 10.21
CA VAL A 233 -18.43 5.45 9.80
C VAL A 233 -19.88 5.55 9.36
N ARG A 234 -20.69 6.35 10.07
CA ARG A 234 -22.10 6.44 9.66
C ARG A 234 -22.32 7.15 8.34
N ASN A 235 -21.39 7.87 7.73
CA ASN A 235 -21.59 8.56 6.47
C ASN A 235 -21.04 7.88 5.24
N LEU A 236 -20.40 6.72 5.44
CA LEU A 236 -19.92 5.97 4.28
C LEU A 236 -21.13 5.17 3.79
N PRO A 237 -21.15 4.82 2.52
CA PRO A 237 -22.13 3.91 1.94
C PRO A 237 -21.84 2.48 2.34
N PRO A 238 -22.69 1.53 1.98
CA PRO A 238 -22.55 0.12 2.32
C PRO A 238 -21.28 -0.44 1.66
N GLN A 239 -20.41 -1.01 2.46
CA GLN A 239 -19.11 -1.48 2.01
C GLN A 239 -19.21 -2.77 1.22
N ARG A 240 -18.51 -2.78 0.08
CA ARG A 240 -18.48 -4.02 -0.71
C ARG A 240 -17.47 -4.94 -0.05
N ASN A 241 -17.60 -6.26 -0.24
CA ASN A 241 -16.72 -7.13 0.52
C ASN A 241 -15.83 -8.01 -0.36
N CYS A 242 -14.96 -8.71 0.33
CA CYS A 242 -13.98 -9.61 -0.27
C CYS A 242 -14.61 -10.70 -1.12
N ARG A 243 -15.62 -11.39 -0.58
CA ARG A 243 -16.25 -12.48 -1.35
C ARG A 243 -16.70 -12.00 -2.71
N GLU A 244 -17.27 -10.80 -2.80
CA GLU A 244 -17.67 -10.25 -4.09
C GLU A 244 -16.49 -10.12 -5.05
N LEU A 245 -15.36 -9.57 -4.57
CA LEU A 245 -14.18 -9.47 -5.43
C LEU A 245 -13.59 -10.84 -5.81
N ARG A 246 -13.49 -11.76 -4.86
CA ARG A 246 -12.89 -13.06 -5.16
C ARG A 246 -13.76 -13.83 -6.13
N GLU A 247 -15.08 -13.81 -5.98
CA GLU A 247 -15.98 -14.52 -6.87
C GLU A 247 -15.95 -13.92 -8.27
N SER A 248 -15.79 -12.58 -8.40
CA SER A 248 -15.72 -12.05 -9.76
C SER A 248 -14.41 -12.46 -10.44
N LEU A 249 -13.32 -12.62 -9.70
CA LEU A 249 -12.08 -13.03 -10.37
C LEU A 249 -12.17 -14.53 -10.65
N LYS A 250 -12.78 -15.35 -9.79
CA LYS A 250 -12.89 -16.76 -10.16
C LYS A 250 -13.73 -16.89 -11.43
N LYS A 251 -14.81 -16.14 -11.57
CA LYS A 251 -15.70 -16.14 -12.74
C LYS A 251 -15.03 -15.61 -13.98
N LEU A 252 -14.10 -14.67 -13.77
CA LEU A 252 -13.34 -14.09 -14.86
C LEU A 252 -12.39 -15.16 -15.40
N GLY A 253 -11.97 -16.11 -14.59
CA GLY A 253 -11.13 -17.21 -15.01
C GLY A 253 -9.91 -16.89 -15.85
N MET A 254 -8.95 -16.19 -15.24
CA MET A 254 -7.68 -15.88 -15.87
C MET A 254 -6.63 -16.93 -15.53
N GLY A 255 -6.82 -17.74 -14.50
CA GLY A 255 -5.80 -18.71 -14.11
C GLY A 255 -6.44 -20.04 -13.72
#